data_3ZFH
#
_entry.id   3ZFH
#
_cell.length_a   115.546
_cell.length_b   115.546
_cell.length_c   56.443
_cell.angle_alpha   90.00
_cell.angle_beta   90.00
_cell.angle_gamma   90.00
#
_symmetry.space_group_name_H-M   'I 4'
#
loop_
_entity.id
_entity.type
_entity.pdbx_description
1 polymer "INOSINE 5'-MONOPHOSPHATE DEHYDROGENASE"
2 non-polymer 'CHLORIDE ION'
3 water water
#
_entity_poly.entity_id   1
_entity_poly.type   'polypeptide(L)'
_entity_poly.pdbx_seq_one_letter_code
;MGSSHHHHHHSSGENLYFQGHMLRISQEALTFDDVLLIPGYSEVLPKDVSLKTRLTRGIELNIPLVSAAMDTVTEARLAI
AMAQEGGIGIIHKNMGIEQQAAEVRKVKKHETAIVRDPVTVTPSTKIIELLQMAREYGFSGFPVVEQGELVGIVTGRDLR
VKPNAGDTVAAIMTPKDKLVTAREGTPLEEMKAKLYENRIEKMLVVDENFYLRGLVTFRDIEKAKTYPLASKDEQGRLRV
GAAVGTGADTGERVAALVAAGVDVVVVDTAHGHSKGVIERVRWVKQTFPDVQVIGGNIATAEAAKALAEAGADAVKVGIG
PGSICTTRIVAGVGVPQISAIANVAAALEGTGVPLIADGGIRFSGDLAKAMVAGAYCVMMGSMFAGTEEAPGEIELFQGR
SYKSYRGMGSLGAMSGSQGSSDRYFQDASAGAEKLVPEGIEGRVPYKGALSAIVHQLMGGLRAAMGYTGSADIQQMRTQP
QFVRITGAGMAESHVHDVQITKEAPNYRVG
;
_entity_poly.pdbx_strand_id   A
#
loop_
_chem_comp.id
_chem_comp.type
_chem_comp.name
_chem_comp.formula
CL non-polymer 'CHLORIDE ION' 'Cl -1'
#
# COMPACT_ATOMS: atom_id res chain seq x y z
N MET A 22 8.53 20.16 29.14
CA MET A 22 7.15 20.10 29.74
C MET A 22 6.13 19.58 28.71
N LEU A 23 6.46 19.78 27.43
CA LEU A 23 5.68 19.27 26.33
C LEU A 23 5.62 17.75 26.37
N ARG A 24 4.48 17.21 25.95
CA ARG A 24 4.31 15.76 25.77
C ARG A 24 4.73 15.39 24.35
N ILE A 25 6.06 15.33 24.16
CA ILE A 25 6.69 14.88 22.91
C ILE A 25 7.06 13.41 23.09
N SER A 26 6.45 12.54 22.29
CA SER A 26 6.78 11.12 22.34
C SER A 26 8.15 10.74 21.70
N GLN A 27 8.51 11.37 20.58
CA GLN A 27 9.80 11.16 19.88
C GLN A 27 10.06 12.26 18.81
N GLU A 28 11.30 12.32 18.31
CA GLU A 28 11.62 12.98 17.03
C GLU A 28 11.25 11.99 15.90
N ALA A 29 10.59 12.45 14.85
CA ALA A 29 10.14 11.54 13.80
C ALA A 29 10.65 12.01 12.44
N LEU A 30 11.02 11.05 11.60
CA LEU A 30 11.79 11.32 10.37
C LEU A 30 10.96 11.08 9.13
N THR A 31 11.10 11.94 8.12
CA THR A 31 10.49 11.71 6.83
C THR A 31 11.53 11.23 5.80
N PHE A 32 11.11 10.98 4.56
CA PHE A 32 12.03 10.55 3.47
C PHE A 32 13.30 11.41 3.33
N ASP A 33 13.15 12.73 3.37
CA ASP A 33 14.33 13.64 3.19
C ASP A 33 15.32 13.68 4.37
N ASP A 34 14.98 13.07 5.51
CA ASP A 34 15.88 13.05 6.66
C ASP A 34 16.92 11.91 6.59
N VAL A 35 16.76 11.00 5.63
CA VAL A 35 17.54 9.77 5.64
C VAL A 35 18.02 9.38 4.25
N LEU A 36 19.15 8.67 4.21
CA LEU A 36 19.64 8.05 2.97
C LEU A 36 20.04 6.62 3.25
N LEU A 37 19.91 5.77 2.23
CA LEU A 37 20.41 4.41 2.33
C LEU A 37 21.94 4.36 2.23
N ILE A 38 22.56 3.62 3.15
CA ILE A 38 23.99 3.41 3.16
C ILE A 38 24.28 2.26 2.18
N PRO A 39 25.15 2.50 1.17
CA PRO A 39 25.51 1.38 0.31
C PRO A 39 26.17 0.24 1.09
N GLY A 40 25.93 -1.00 0.69
CA GLY A 40 26.53 -2.17 1.36
C GLY A 40 27.07 -3.09 0.29
N TYR A 41 27.80 -4.11 0.71
CA TYR A 41 28.36 -5.07 -0.23
C TYR A 41 27.31 -5.68 -1.16
N SER A 42 27.63 -5.75 -2.45
CA SER A 42 26.67 -6.22 -3.43
C SER A 42 27.35 -7.07 -4.53
N GLU A 43 26.68 -8.16 -4.89
CA GLU A 43 27.10 -9.01 -5.98
C GLU A 43 25.86 -9.24 -6.83
N VAL A 44 24.80 -8.50 -6.56
CA VAL A 44 23.54 -8.65 -7.30
C VAL A 44 23.22 -7.41 -8.18
N LEU A 45 22.95 -7.61 -9.48
CA LEU A 45 22.58 -6.51 -10.41
C LEU A 45 21.10 -6.12 -10.29
N PRO A 46 20.78 -4.83 -10.45
CA PRO A 46 19.39 -4.42 -10.45
C PRO A 46 18.43 -5.37 -11.17
N LYS A 47 18.79 -5.81 -12.36
CA LYS A 47 17.90 -6.65 -13.16
C LYS A 47 17.66 -8.03 -12.55
N ASP A 48 18.51 -8.45 -11.63
CA ASP A 48 18.45 -9.82 -11.11
C ASP A 48 17.73 -9.97 -9.76
N VAL A 49 17.43 -8.88 -9.07
CA VAL A 49 16.81 -8.95 -7.77
C VAL A 49 15.34 -9.39 -7.90
N SER A 50 14.80 -9.93 -6.82
CA SER A 50 13.42 -10.34 -6.79
C SER A 50 12.58 -9.25 -6.13
N LEU A 51 11.46 -8.85 -6.75
CA LEU A 51 10.57 -7.84 -6.18
C LEU A 51 9.29 -8.46 -5.59
N LYS A 52 9.23 -9.78 -5.52
CA LYS A 52 8.10 -10.48 -4.92
C LYS A 52 7.90 -10.07 -3.42
N THR A 53 6.65 -9.89 -2.99
CA THR A 53 6.30 -9.42 -1.65
C THR A 53 4.87 -9.88 -1.31
N ARG A 54 4.40 -9.51 -0.12
CA ARG A 54 2.99 -9.71 0.31
C ARG A 54 2.20 -8.41 0.40
N LEU A 55 1.02 -8.38 -0.23
CA LEU A 55 0.08 -7.30 0.01
C LEU A 55 -0.60 -7.58 1.34
N THR A 56 -1.02 -8.83 1.54
CA THR A 56 -1.71 -9.19 2.79
C THR A 56 -1.21 -10.56 3.22
N ARG A 57 -1.67 -11.02 4.38
CA ARG A 57 -1.37 -12.39 4.82
C ARG A 57 -1.52 -13.41 3.70
N GLY A 58 -2.66 -13.36 3.02
CA GLY A 58 -3.03 -14.34 2.02
C GLY A 58 -2.64 -13.96 0.61
N ILE A 59 -2.25 -12.71 0.37
CA ILE A 59 -2.03 -12.26 -1.03
C ILE A 59 -0.58 -11.78 -1.33
N GLU A 60 0.06 -12.44 -2.27
CA GLU A 60 1.38 -12.06 -2.77
C GLU A 60 1.29 -11.16 -4.00
N LEU A 61 2.26 -10.26 -4.14
CA LEU A 61 2.41 -9.48 -5.37
C LEU A 61 3.82 -9.73 -5.92
N ASN A 62 3.97 -9.60 -7.24
CA ASN A 62 5.27 -9.75 -7.89
C ASN A 62 6.08 -8.46 -7.85
N ILE A 63 5.42 -7.33 -7.59
CA ILE A 63 6.09 -6.04 -7.33
C ILE A 63 5.37 -5.36 -6.18
N PRO A 64 6.11 -4.63 -5.32
CA PRO A 64 5.53 -3.98 -4.13
C PRO A 64 4.82 -2.66 -4.45
N LEU A 65 3.84 -2.70 -5.34
CA LEU A 65 3.24 -1.49 -5.82
C LEU A 65 1.72 -1.63 -5.92
N VAL A 66 1.02 -0.68 -5.27
CA VAL A 66 -0.42 -0.63 -5.20
C VAL A 66 -0.93 0.73 -5.70
N SER A 67 -1.98 0.75 -6.52
CA SER A 67 -2.54 2.05 -6.91
C SER A 67 -3.67 2.45 -5.96
N ALA A 68 -3.72 3.75 -5.65
CA ALA A 68 -4.59 4.29 -4.61
C ALA A 68 -6.07 4.30 -4.98
N ALA A 69 -6.89 4.16 -3.94
CA ALA A 69 -8.35 4.25 -4.01
C ALA A 69 -8.81 5.73 -4.09
N MET A 70 -8.37 6.39 -5.16
CA MET A 70 -8.67 7.79 -5.43
C MET A 70 -9.48 7.91 -6.73
N ASP A 71 -10.53 8.72 -6.71
CA ASP A 71 -11.39 8.84 -7.90
C ASP A 71 -10.72 9.38 -9.19
N THR A 72 -9.49 9.85 -9.08
CA THR A 72 -8.72 10.27 -10.26
C THR A 72 -7.70 9.22 -10.68
N VAL A 73 -7.63 8.11 -9.92
CA VAL A 73 -6.57 7.12 -10.11
C VAL A 73 -7.10 5.73 -10.50
N THR A 74 -7.78 5.01 -9.60
CA THR A 74 -8.07 3.59 -9.83
C THR A 74 -9.53 3.21 -10.09
N GLU A 75 -9.83 2.89 -11.36
CA GLU A 75 -11.03 2.12 -11.75
C GLU A 75 -10.56 0.86 -12.51
N ALA A 76 -11.45 0.20 -13.26
CA ALA A 76 -11.12 -1.14 -13.77
C ALA A 76 -9.94 -1.14 -14.71
N ARG A 77 -9.87 -0.16 -15.60
CA ARG A 77 -8.79 -0.09 -16.58
C ARG A 77 -7.43 0.04 -15.89
N LEU A 78 -7.29 0.96 -14.95
CA LEU A 78 -5.99 1.10 -14.28
C LEU A 78 -5.70 -0.11 -13.35
N ALA A 79 -6.74 -0.68 -12.74
CA ALA A 79 -6.58 -1.87 -11.88
C ALA A 79 -6.09 -3.09 -12.67
N ILE A 80 -6.63 -3.24 -13.90
CA ILE A 80 -6.18 -4.28 -14.83
C ILE A 80 -4.69 -4.12 -15.13
N ALA A 81 -4.26 -2.90 -15.50
CA ALA A 81 -2.88 -2.65 -15.86
C ALA A 81 -1.96 -2.95 -14.66
N MET A 82 -2.37 -2.53 -13.46
CA MET A 82 -1.60 -2.77 -12.25
C MET A 82 -1.42 -4.26 -11.96
N ALA A 83 -2.49 -5.03 -12.09
CA ALA A 83 -2.40 -6.48 -11.85
C ALA A 83 -1.48 -7.14 -12.88
N GLN A 84 -1.57 -6.71 -14.15
CA GLN A 84 -0.76 -7.25 -15.23
C GLN A 84 0.73 -7.01 -15.01
N GLU A 85 1.04 -5.86 -14.41
CA GLU A 85 2.40 -5.47 -14.03
C GLU A 85 2.93 -6.22 -12.82
N GLY A 86 2.09 -6.95 -12.08
CA GLY A 86 2.56 -7.64 -10.88
C GLY A 86 2.12 -7.00 -9.58
N GLY A 87 1.47 -5.84 -9.67
CA GLY A 87 0.91 -5.18 -8.48
C GLY A 87 -0.60 -5.40 -8.35
N ILE A 88 -1.29 -4.40 -7.81
CA ILE A 88 -2.72 -4.49 -7.65
C ILE A 88 -3.30 -3.08 -7.60
N GLY A 89 -4.54 -2.92 -8.07
CA GLY A 89 -5.27 -1.69 -7.95
C GLY A 89 -6.33 -1.83 -6.87
N ILE A 90 -6.59 -0.76 -6.11
CA ILE A 90 -7.74 -0.74 -5.21
C ILE A 90 -8.78 0.18 -5.85
N ILE A 91 -9.96 -0.34 -6.23
CA ILE A 91 -11.00 0.51 -6.81
C ILE A 91 -11.52 1.52 -5.76
N HIS A 92 -11.61 2.78 -6.15
CA HIS A 92 -12.02 3.83 -5.21
C HIS A 92 -13.51 3.73 -4.79
N LYS A 93 -13.86 4.37 -3.70
CA LYS A 93 -15.22 4.25 -3.18
C LYS A 93 -16.03 5.51 -3.40
N ASN A 94 -15.50 6.46 -4.20
CA ASN A 94 -16.29 7.64 -4.51
C ASN A 94 -17.24 7.39 -5.68
N MET A 95 -18.02 6.35 -5.56
CA MET A 95 -19.00 5.95 -6.57
C MET A 95 -20.06 5.05 -5.90
N GLY A 96 -21.09 4.70 -6.67
CA GLY A 96 -22.19 3.88 -6.17
C GLY A 96 -21.78 2.44 -5.94
N ILE A 97 -22.57 1.71 -5.19
CA ILE A 97 -22.23 0.33 -4.85
C ILE A 97 -22.20 -0.58 -6.08
N GLU A 98 -23.22 -0.43 -6.93
CA GLU A 98 -23.35 -1.22 -8.12
C GLU A 98 -22.26 -0.84 -9.10
N GLN A 99 -21.90 0.45 -9.19
CA GLN A 99 -20.76 0.81 -10.06
C GLN A 99 -19.44 0.16 -9.59
N GLN A 100 -19.23 0.17 -8.27
CA GLN A 100 -18.02 -0.39 -7.71
C GLN A 100 -17.93 -1.90 -7.92
N ALA A 101 -19.00 -2.64 -7.66
CA ALA A 101 -19.00 -4.07 -7.98
C ALA A 101 -18.77 -4.33 -9.48
N ALA A 102 -19.34 -3.48 -10.35
CA ALA A 102 -19.12 -3.65 -11.78
C ALA A 102 -17.64 -3.44 -12.14
N GLU A 103 -16.98 -2.48 -11.48
CA GLU A 103 -15.55 -2.25 -11.74
C GLU A 103 -14.75 -3.50 -11.32
N VAL A 104 -15.11 -4.07 -10.18
CA VAL A 104 -14.48 -5.29 -9.73
C VAL A 104 -14.68 -6.45 -10.71
N ARG A 105 -15.93 -6.67 -11.12
CA ARG A 105 -16.26 -7.71 -12.10
C ARG A 105 -15.45 -7.53 -13.37
N LYS A 106 -15.36 -6.30 -13.89
CA LYS A 106 -14.60 -6.05 -15.12
C LYS A 106 -13.15 -6.54 -14.95
N VAL A 107 -12.53 -6.24 -13.81
CA VAL A 107 -11.19 -6.75 -13.55
C VAL A 107 -11.14 -8.29 -13.47
N LYS A 108 -12.00 -8.89 -12.65
CA LYS A 108 -12.05 -10.36 -12.49
C LYS A 108 -12.41 -11.14 -13.76
N LYS A 109 -13.03 -10.48 -14.74
CA LYS A 109 -13.42 -11.15 -15.99
C LYS A 109 -12.48 -10.83 -17.16
N HIS A 110 -11.51 -9.96 -16.94
CA HIS A 110 -10.65 -9.53 -18.01
C HIS A 110 -9.86 -10.74 -18.44
N GLU A 111 -9.99 -11.11 -19.72
CA GLU A 111 -9.41 -12.36 -20.23
C GLU A 111 -7.92 -12.25 -20.56
N THR A 112 -7.12 -13.00 -19.80
CA THR A 112 -5.70 -13.22 -20.12
C THR A 112 -5.47 -14.74 -20.26
N THR A 226 3.43 -12.60 -22.54
CA THR A 226 2.43 -11.55 -22.34
C THR A 226 1.93 -11.59 -20.89
N TYR A 227 2.55 -10.75 -20.05
CA TYR A 227 2.26 -10.59 -18.59
C TYR A 227 2.57 -11.80 -17.69
N PRO A 228 3.83 -12.29 -17.72
CA PRO A 228 4.21 -13.42 -16.85
C PRO A 228 4.19 -13.02 -15.37
N LEU A 229 4.30 -11.72 -15.10
CA LEU A 229 4.27 -11.20 -13.75
C LEU A 229 2.86 -10.98 -13.15
N ALA A 230 1.79 -11.21 -13.93
CA ALA A 230 0.41 -10.86 -13.48
C ALA A 230 0.04 -11.36 -12.08
N SER A 231 -0.58 -10.48 -11.31
CA SER A 231 -1.17 -10.86 -10.03
C SER A 231 -2.49 -11.54 -10.25
N LYS A 232 -2.58 -12.81 -9.84
CA LYS A 232 -3.77 -13.61 -10.07
C LYS A 232 -4.18 -14.45 -8.86
N ASP A 233 -5.49 -14.73 -8.76
CA ASP A 233 -6.03 -15.59 -7.71
C ASP A 233 -5.88 -17.08 -8.09
N GLU A 234 -6.33 -17.97 -7.22
CA GLU A 234 -6.19 -19.41 -7.46
C GLU A 234 -6.96 -19.91 -8.71
N GLN A 235 -7.81 -19.05 -9.30
CA GLN A 235 -8.52 -19.37 -10.55
C GLN A 235 -7.92 -18.77 -11.79
N GLY A 236 -6.81 -18.06 -11.66
CA GLY A 236 -6.17 -17.42 -12.80
C GLY A 236 -6.79 -16.11 -13.20
N ARG A 237 -7.62 -15.53 -12.34
CA ARG A 237 -8.22 -14.21 -12.56
C ARG A 237 -7.35 -13.10 -11.91
N LEU A 238 -7.25 -11.96 -12.59
CA LEU A 238 -6.47 -10.83 -12.05
C LEU A 238 -7.02 -10.45 -10.67
N ARG A 239 -6.10 -10.11 -9.76
CA ARG A 239 -6.43 -9.65 -8.44
C ARG A 239 -6.99 -8.21 -8.50
N VAL A 240 -7.95 -7.92 -7.64
CA VAL A 240 -8.39 -6.55 -7.41
C VAL A 240 -8.79 -6.32 -5.95
N GLY A 241 -8.65 -5.07 -5.49
CA GLY A 241 -9.18 -4.64 -4.24
C GLY A 241 -10.24 -3.57 -4.40
N ALA A 242 -10.96 -3.29 -3.33
CA ALA A 242 -11.92 -2.19 -3.38
C ALA A 242 -12.01 -1.53 -2.01
N ALA A 243 -12.13 -0.21 -2.02
CA ALA A 243 -12.21 0.53 -0.79
C ALA A 243 -13.63 0.65 -0.30
N VAL A 244 -13.78 0.63 1.03
CA VAL A 244 -15.05 1.00 1.67
C VAL A 244 -14.78 2.00 2.79
N GLY A 245 -15.79 2.79 3.16
CA GLY A 245 -15.66 3.77 4.23
C GLY A 245 -16.37 3.35 5.51
N THR A 246 -16.91 4.33 6.24
CA THR A 246 -17.71 4.00 7.42
C THR A 246 -19.22 4.32 7.32
N GLY A 247 -19.65 5.03 6.28
CA GLY A 247 -21.09 5.32 6.05
C GLY A 247 -22.10 4.20 6.36
N ALA A 248 -23.39 4.56 6.42
CA ALA A 248 -24.51 3.61 6.61
C ALA A 248 -24.58 2.46 5.59
N ASP A 249 -24.04 2.70 4.39
CA ASP A 249 -24.08 1.75 3.27
C ASP A 249 -22.97 0.64 3.27
N THR A 250 -22.10 0.64 4.28
CA THR A 250 -20.88 -0.20 4.22
C THR A 250 -21.12 -1.71 4.12
N GLY A 251 -22.06 -2.23 4.92
CA GLY A 251 -22.41 -3.65 4.90
C GLY A 251 -22.87 -4.12 3.53
N GLU A 252 -23.77 -3.35 2.95
CA GLU A 252 -24.26 -3.64 1.62
C GLU A 252 -23.14 -3.53 0.59
N ARG A 253 -22.29 -2.50 0.71
CA ARG A 253 -21.13 -2.34 -0.18
C ARG A 253 -20.18 -3.55 -0.08
N VAL A 254 -19.78 -3.93 1.15
CA VAL A 254 -18.89 -5.07 1.31
C VAL A 254 -19.51 -6.30 0.66
N ALA A 255 -20.81 -6.54 0.90
CA ALA A 255 -21.49 -7.71 0.32
C ALA A 255 -21.45 -7.74 -1.21
N ALA A 256 -21.72 -6.60 -1.84
CA ALA A 256 -21.76 -6.56 -3.30
C ALA A 256 -20.35 -6.81 -3.85
N LEU A 257 -19.34 -6.21 -3.20
CA LEU A 257 -17.97 -6.37 -3.63
C LEU A 257 -17.48 -7.83 -3.50
N VAL A 258 -17.80 -8.48 -2.38
CA VAL A 258 -17.40 -9.85 -2.16
C VAL A 258 -18.11 -10.77 -3.18
N ALA A 259 -19.41 -10.55 -3.40
CA ALA A 259 -20.16 -11.33 -4.42
C ALA A 259 -19.59 -11.11 -5.83
N ALA A 260 -18.99 -9.93 -6.06
CA ALA A 260 -18.39 -9.62 -7.35
C ALA A 260 -17.01 -10.30 -7.52
N GLY A 261 -16.52 -10.92 -6.46
CA GLY A 261 -15.26 -11.66 -6.48
C GLY A 261 -14.04 -10.85 -6.02
N VAL A 262 -14.25 -9.78 -5.26
CA VAL A 262 -13.11 -8.95 -4.82
C VAL A 262 -12.11 -9.81 -3.99
N ASP A 263 -10.82 -9.53 -4.14
CA ASP A 263 -9.78 -10.26 -3.41
C ASP A 263 -9.51 -9.69 -2.02
N VAL A 264 -9.62 -8.36 -1.95
CA VAL A 264 -9.33 -7.62 -0.74
C VAL A 264 -10.27 -6.41 -0.61
N VAL A 265 -10.78 -6.22 0.60
CA VAL A 265 -11.63 -5.09 0.94
C VAL A 265 -10.73 -4.18 1.78
N VAL A 266 -10.61 -2.92 1.36
CA VAL A 266 -9.78 -1.96 2.05
C VAL A 266 -10.67 -0.99 2.82
N VAL A 267 -10.72 -1.16 4.14
CA VAL A 267 -11.46 -0.24 5.00
C VAL A 267 -10.52 0.95 5.24
N ASP A 268 -10.92 2.08 4.69
CA ASP A 268 -10.00 3.11 4.26
C ASP A 268 -10.56 4.48 4.66
N THR A 269 -10.10 5.03 5.79
CA THR A 269 -10.40 6.46 6.04
C THR A 269 -9.18 7.31 6.35
N ALA A 270 -9.41 8.61 6.51
CA ALA A 270 -8.43 9.54 6.96
C ALA A 270 -7.93 9.15 8.36
N HIS A 271 -8.69 8.41 9.16
CA HIS A 271 -8.20 8.03 10.51
C HIS A 271 -8.58 6.59 10.82
N GLY A 272 -7.69 5.67 10.51
CA GLY A 272 -7.96 4.26 10.73
C GLY A 272 -7.96 3.83 12.20
N HIS A 273 -7.36 4.63 13.10
CA HIS A 273 -7.32 4.22 14.53
C HIS A 273 -8.57 4.76 15.21
N SER A 274 -9.71 4.17 14.86
CA SER A 274 -10.98 4.77 15.22
C SER A 274 -11.99 3.65 15.28
N LYS A 275 -13.06 3.87 16.01
CA LYS A 275 -14.13 2.88 16.13
C LYS A 275 -14.70 2.51 14.76
N GLY A 276 -15.02 3.52 13.97
CA GLY A 276 -15.58 3.26 12.66
C GLY A 276 -14.77 2.30 11.82
N VAL A 277 -13.43 2.49 11.75
CA VAL A 277 -12.56 1.59 10.95
C VAL A 277 -12.33 0.23 11.58
N ILE A 278 -11.92 0.23 12.85
CA ILE A 278 -11.54 -1.03 13.50
C ILE A 278 -12.72 -2.01 13.57
N GLU A 279 -13.85 -1.52 14.02
CA GLU A 279 -15.04 -2.35 14.18
C GLU A 279 -15.61 -2.76 12.82
N ARG A 280 -15.36 -1.95 11.78
CA ARG A 280 -15.76 -2.39 10.48
C ARG A 280 -14.82 -3.50 9.99
N VAL A 281 -13.52 -3.38 10.27
CA VAL A 281 -12.57 -4.44 9.92
C VAL A 281 -12.99 -5.74 10.66
N ARG A 282 -13.29 -5.62 11.96
CA ARG A 282 -13.73 -6.79 12.74
C ARG A 282 -14.95 -7.43 12.06
N TRP A 283 -15.94 -6.60 11.73
CA TRP A 283 -17.14 -7.11 11.11
C TRP A 283 -16.91 -7.83 9.76
N VAL A 284 -16.03 -7.32 8.91
CA VAL A 284 -15.80 -7.97 7.61
C VAL A 284 -15.13 -9.32 7.80
N LYS A 285 -14.14 -9.34 8.67
CA LYS A 285 -13.46 -10.56 9.01
C LYS A 285 -14.37 -11.63 9.59
N GLN A 286 -15.36 -11.24 10.41
CA GLN A 286 -16.23 -12.20 11.05
C GLN A 286 -17.38 -12.62 10.14
N THR A 287 -17.73 -11.80 9.16
CA THR A 287 -18.89 -12.05 8.34
C THR A 287 -18.45 -12.68 7.02
N PHE A 288 -17.33 -12.25 6.46
CA PHE A 288 -16.82 -12.80 5.19
C PHE A 288 -15.42 -13.33 5.42
N PRO A 289 -15.30 -14.54 5.97
CA PRO A 289 -13.97 -14.95 6.42
C PRO A 289 -13.03 -15.40 5.28
N ASP A 290 -13.56 -15.66 4.08
CA ASP A 290 -12.73 -15.85 2.89
C ASP A 290 -12.37 -14.64 2.01
N VAL A 291 -12.54 -13.42 2.53
CA VAL A 291 -12.00 -12.25 1.85
C VAL A 291 -10.84 -11.67 2.66
N GLN A 292 -9.87 -11.08 1.99
CA GLN A 292 -8.79 -10.43 2.71
C GLN A 292 -9.25 -9.01 3.11
N VAL A 293 -8.87 -8.57 4.31
CA VAL A 293 -9.22 -7.21 4.76
C VAL A 293 -7.98 -6.37 5.15
N ILE A 294 -7.91 -5.18 4.58
CA ILE A 294 -6.93 -4.20 4.98
C ILE A 294 -7.63 -3.05 5.74
N GLY A 295 -7.01 -2.60 6.84
CA GLY A 295 -7.44 -1.37 7.55
C GLY A 295 -6.42 -0.24 7.48
N GLY A 296 -6.92 1.00 7.33
CA GLY A 296 -6.08 2.18 7.38
C GLY A 296 -6.88 3.46 7.41
N ASN A 297 -6.23 4.62 7.45
CA ASN A 297 -4.76 4.75 7.48
C ASN A 297 -4.30 4.93 8.95
N ILE A 298 -3.13 4.36 9.29
CA ILE A 298 -2.60 4.46 10.62
C ILE A 298 -1.17 5.01 10.62
N ALA A 299 -0.69 5.35 11.81
CA ALA A 299 0.68 5.85 11.89
C ALA A 299 1.41 5.50 13.18
N THR A 300 0.88 4.56 13.98
CA THR A 300 1.51 4.24 15.27
C THR A 300 1.50 2.75 15.55
N ALA A 301 2.43 2.32 16.38
CA ALA A 301 2.47 0.97 16.91
C ALA A 301 1.09 0.57 17.47
N GLU A 302 0.50 1.42 18.33
N GLU A 302 0.51 1.41 18.33
CA GLU A 302 -0.78 1.12 19.00
C GLU A 302 -1.91 0.85 18.00
C GLU A 302 -1.92 0.87 18.00
N ALA A 303 -1.99 1.66 16.93
CA ALA A 303 -2.97 1.48 15.90
C ALA A 303 -2.76 0.15 15.16
N ALA A 304 -1.52 -0.22 14.92
CA ALA A 304 -1.23 -1.43 14.17
C ALA A 304 -1.77 -2.62 14.92
N LYS A 305 -1.53 -2.61 16.25
CA LYS A 305 -1.97 -3.71 17.09
C LYS A 305 -3.48 -3.78 17.17
N ALA A 306 -4.14 -2.63 17.25
CA ALA A 306 -5.59 -2.59 17.37
C ALA A 306 -6.20 -3.16 16.09
N LEU A 307 -5.57 -2.88 14.95
CA LEU A 307 -6.00 -3.48 13.66
C LEU A 307 -5.70 -5.00 13.57
N ALA A 308 -4.53 -5.42 14.08
CA ALA A 308 -4.17 -6.83 14.11
C ALA A 308 -5.17 -7.66 14.95
N GLU A 309 -5.56 -7.12 16.11
CA GLU A 309 -6.51 -7.72 17.06
C GLU A 309 -7.89 -7.83 16.42
N ALA A 310 -8.28 -6.84 15.61
CA ALA A 310 -9.53 -6.90 14.84
C ALA A 310 -9.56 -7.92 13.66
N GLY A 311 -8.42 -8.57 13.40
CA GLY A 311 -8.33 -9.53 12.31
C GLY A 311 -7.81 -9.00 10.97
N ALA A 312 -7.32 -7.76 10.92
CA ALA A 312 -6.77 -7.18 9.70
C ALA A 312 -5.67 -8.10 9.12
N ASP A 313 -5.75 -8.34 7.82
CA ASP A 313 -4.73 -9.09 7.08
C ASP A 313 -3.56 -8.20 6.59
N ALA A 314 -3.74 -6.87 6.65
CA ALA A 314 -2.70 -5.88 6.45
C ALA A 314 -3.19 -4.53 6.95
N VAL A 315 -2.25 -3.62 7.12
CA VAL A 315 -2.60 -2.27 7.55
C VAL A 315 -1.98 -1.30 6.56
N LYS A 316 -2.58 -0.13 6.44
CA LYS A 316 -2.04 0.88 5.53
C LYS A 316 -1.59 2.10 6.34
N VAL A 317 -0.35 2.54 6.07
CA VAL A 317 0.36 3.52 6.87
C VAL A 317 0.50 4.87 6.16
N GLY A 318 0.06 5.93 6.83
CA GLY A 318 0.15 7.26 6.21
C GLY A 318 -0.88 8.20 6.75
N ILE A 319 -0.45 9.03 7.71
CA ILE A 319 -1.28 10.12 8.24
C ILE A 319 -0.48 11.41 8.21
N GLY A 320 -0.98 12.38 7.45
CA GLY A 320 -0.25 13.64 7.26
C GLY A 320 1.17 13.37 6.74
N PRO A 321 1.34 12.49 5.72
CA PRO A 321 2.71 12.09 5.38
C PRO A 321 3.52 13.13 4.56
N GLY A 322 2.84 14.00 3.81
CA GLY A 322 3.54 15.09 3.11
C GLY A 322 3.66 16.40 3.90
N SER A 323 4.74 17.17 3.63
CA SER A 323 4.82 18.56 4.09
C SER A 323 3.66 19.32 3.45
N ILE A 324 3.08 20.26 4.18
CA ILE A 324 1.99 21.14 3.65
C ILE A 324 0.72 20.49 3.03
N CYS A 325 0.47 19.22 3.35
CA CYS A 325 -0.80 18.57 3.02
C CYS A 325 -1.89 19.07 3.96
N THR A 326 -3.17 18.86 3.62
CA THR A 326 -4.23 19.52 4.35
C THR A 326 -4.44 19.00 5.80
N THR A 327 -4.03 17.77 6.09
CA THR A 327 -4.14 17.24 7.44
C THR A 327 -3.24 18.04 8.45
N ARG A 328 -2.01 18.32 8.04
CA ARG A 328 -1.10 19.17 8.83
C ARG A 328 -1.57 20.62 8.96
N ILE A 329 -2.00 21.23 7.85
CA ILE A 329 -2.44 22.64 7.86
C ILE A 329 -3.73 22.83 8.64
N VAL A 330 -4.70 21.94 8.43
CA VAL A 330 -6.02 22.09 9.00
C VAL A 330 -6.12 21.57 10.45
N ALA A 331 -5.58 20.37 10.69
CA ALA A 331 -5.72 19.72 11.99
C ALA A 331 -4.44 19.74 12.83
N GLY A 332 -3.27 20.02 12.23
CA GLY A 332 -1.97 20.05 12.96
C GLY A 332 -1.48 18.62 13.25
N VAL A 333 -1.95 17.66 12.45
CA VAL A 333 -1.83 16.24 12.76
C VAL A 333 -0.98 15.54 11.71
N GLY A 334 -0.13 14.61 12.13
CA GLY A 334 0.73 13.92 11.18
C GLY A 334 1.89 13.19 11.83
N VAL A 335 2.38 12.18 11.14
CA VAL A 335 3.60 11.52 11.59
C VAL A 335 4.52 11.37 10.39
N PRO A 336 5.74 11.93 10.50
CA PRO A 336 6.68 11.74 9.39
C PRO A 336 6.79 10.25 9.06
N GLN A 337 6.78 9.97 7.75
CA GLN A 337 6.46 8.66 7.22
C GLN A 337 7.51 7.57 7.45
N ILE A 338 8.80 7.91 7.56
CA ILE A 338 9.85 6.90 7.78
C ILE A 338 9.69 6.32 9.21
N SER A 339 9.51 7.21 10.19
CA SER A 339 9.19 6.80 11.57
C SER A 339 7.85 6.04 11.72
N ALA A 340 6.81 6.51 11.01
CA ALA A 340 5.49 5.84 10.99
C ALA A 340 5.59 4.38 10.54
N ILE A 341 6.19 4.18 9.36
CA ILE A 341 6.40 2.86 8.79
C ILE A 341 7.20 2.00 9.77
N ALA A 342 8.34 2.51 10.28
CA ALA A 342 9.20 1.75 11.23
C ALA A 342 8.48 1.35 12.54
N ASN A 343 7.69 2.26 13.08
CA ASN A 343 6.96 1.96 14.33
C ASN A 343 5.92 0.87 14.11
N VAL A 344 5.20 0.97 12.99
CA VAL A 344 4.24 -0.03 12.61
C VAL A 344 4.91 -1.37 12.23
N ALA A 345 5.98 -1.35 11.41
CA ALA A 345 6.76 -2.58 11.12
C ALA A 345 7.23 -3.25 12.43
N ALA A 346 7.76 -2.46 13.37
CA ALA A 346 8.28 -3.04 14.63
C ALA A 346 7.13 -3.67 15.40
N ALA A 347 5.99 -2.98 15.49
CA ALA A 347 4.82 -3.50 16.21
C ALA A 347 4.32 -4.79 15.56
N LEU A 348 4.48 -4.93 14.24
CA LEU A 348 3.87 -6.07 13.54
C LEU A 348 4.82 -7.27 13.36
N GLU A 349 6.07 -7.09 13.74
CA GLU A 349 7.09 -8.11 13.55
C GLU A 349 6.68 -9.43 14.20
N GLY A 350 6.83 -10.51 13.42
CA GLY A 350 6.45 -11.84 13.89
C GLY A 350 4.96 -12.13 13.82
N THR A 351 4.14 -11.20 13.31
CA THR A 351 2.68 -11.47 13.28
C THR A 351 2.26 -12.08 11.95
N GLY A 352 3.08 -11.89 10.92
CA GLY A 352 2.65 -12.22 9.57
C GLY A 352 1.73 -11.17 8.90
N VAL A 353 1.45 -10.05 9.57
CA VAL A 353 0.61 -8.97 8.99
C VAL A 353 1.46 -7.91 8.26
N PRO A 354 1.29 -7.77 6.92
CA PRO A 354 2.05 -6.76 6.19
C PRO A 354 1.54 -5.34 6.40
N LEU A 355 2.36 -4.36 6.00
CA LEU A 355 1.95 -2.95 6.07
C LEU A 355 2.27 -2.33 4.72
N ILE A 356 1.39 -1.44 4.29
CA ILE A 356 1.49 -0.75 3.02
C ILE A 356 1.74 0.73 3.33
N ALA A 357 2.77 1.27 2.70
CA ALA A 357 3.14 2.65 2.88
C ALA A 357 2.37 3.49 1.87
N ASP A 358 1.55 4.41 2.38
CA ASP A 358 0.65 5.20 1.53
C ASP A 358 0.90 6.67 1.86
N GLY A 359 1.52 7.40 0.94
CA GLY A 359 1.68 8.87 1.03
C GLY A 359 3.11 9.39 1.17
N GLY A 360 3.36 10.58 0.61
CA GLY A 360 4.63 11.27 0.78
C GLY A 360 5.80 10.82 -0.12
N ILE A 361 5.56 9.88 -1.04
CA ILE A 361 6.55 9.38 -1.98
C ILE A 361 6.51 10.24 -3.24
N ARG A 362 7.60 10.93 -3.56
CA ARG A 362 7.67 11.82 -4.74
C ARG A 362 8.55 11.25 -5.85
N PHE A 363 9.61 10.57 -5.45
CA PHE A 363 10.54 9.93 -6.38
C PHE A 363 10.70 8.48 -5.98
N SER A 364 11.23 7.69 -6.91
CA SER A 364 11.50 6.29 -6.69
C SER A 364 12.45 6.05 -5.53
N GLY A 365 13.32 7.02 -5.18
CA GLY A 365 14.22 6.87 -4.03
C GLY A 365 13.49 6.84 -2.69
N ASP A 366 12.39 7.62 -2.62
CA ASP A 366 11.50 7.57 -1.47
C ASP A 366 10.91 6.20 -1.27
N LEU A 367 10.46 5.60 -2.38
CA LEU A 367 9.94 4.23 -2.36
C LEU A 367 10.91 3.23 -1.78
N ALA A 368 12.18 3.34 -2.17
CA ALA A 368 13.22 2.44 -1.64
C ALA A 368 13.35 2.64 -0.13
N LYS A 369 13.30 3.90 0.28
CA LYS A 369 13.44 4.23 1.69
C LYS A 369 12.27 3.68 2.47
N ALA A 370 11.07 3.77 1.92
CA ALA A 370 9.88 3.19 2.57
C ALA A 370 10.06 1.71 2.82
N MET A 371 10.67 1.01 1.85
CA MET A 371 10.87 -0.44 1.94
C MET A 371 11.87 -0.73 3.04
N VAL A 372 12.98 0.02 3.07
CA VAL A 372 14.01 -0.27 4.09
C VAL A 372 13.46 0.02 5.49
N ALA A 373 12.53 0.98 5.57
CA ALA A 373 11.96 1.31 6.87
C ALA A 373 11.00 0.19 7.36
N GLY A 374 10.67 -0.74 6.47
CA GLY A 374 9.87 -1.91 6.80
C GLY A 374 8.56 -2.13 6.04
N ALA A 375 8.22 -1.27 5.08
CA ALA A 375 7.04 -1.51 4.26
C ALA A 375 7.17 -2.78 3.41
N TYR A 376 6.04 -3.46 3.18
CA TYR A 376 5.98 -4.64 2.32
C TYR A 376 5.66 -4.23 0.90
N CYS A 377 4.94 -3.12 0.73
CA CYS A 377 4.78 -2.50 -0.57
C CYS A 377 4.32 -1.07 -0.34
N VAL A 378 4.07 -0.36 -1.43
CA VAL A 378 3.93 1.08 -1.38
C VAL A 378 2.74 1.43 -2.24
N MET A 379 1.87 2.33 -1.75
CA MET A 379 0.73 2.80 -2.54
C MET A 379 1.05 4.16 -3.22
N MET A 380 0.69 4.28 -4.49
CA MET A 380 0.87 5.52 -5.20
C MET A 380 -0.51 5.98 -5.71
N GLY A 381 -0.75 7.30 -5.67
CA GLY A 381 -1.99 7.90 -6.08
C GLY A 381 -1.78 8.93 -7.17
N SER A 382 -1.66 10.20 -6.79
CA SER A 382 -1.64 11.27 -7.81
C SER A 382 -0.59 11.11 -8.94
N MET A 383 0.53 10.46 -8.64
CA MET A 383 1.57 10.17 -9.68
C MET A 383 1.05 9.35 -10.88
N PHE A 384 0.03 8.51 -10.64
CA PHE A 384 -0.62 7.75 -11.72
C PHE A 384 -1.82 8.52 -12.33
N ALA A 385 -2.24 9.63 -11.71
CA ALA A 385 -3.52 10.28 -12.09
C ALA A 385 -3.61 10.82 -13.55
N GLY A 386 -2.46 11.04 -14.18
CA GLY A 386 -2.47 11.57 -15.56
C GLY A 386 -2.35 10.54 -16.67
N THR A 387 -2.18 9.28 -16.27
CA THR A 387 -1.99 8.17 -17.22
C THR A 387 -3.21 7.87 -18.11
N GLU A 388 -2.95 7.32 -19.29
CA GLU A 388 -3.95 6.74 -20.18
C GLU A 388 -5.02 5.97 -19.42
N GLU A 389 -4.57 5.10 -18.51
CA GLU A 389 -5.40 4.13 -17.85
C GLU A 389 -6.28 4.76 -16.76
N ALA A 390 -5.85 5.89 -16.21
CA ALA A 390 -6.58 6.58 -15.14
C ALA A 390 -7.92 7.15 -15.64
N PRO A 391 -8.95 7.18 -14.76
CA PRO A 391 -10.29 7.64 -15.13
C PRO A 391 -10.39 9.15 -15.45
N LYS A 447 1.71 11.31 -17.64
CA LYS A 447 1.03 11.67 -18.89
C LYS A 447 0.84 10.51 -19.88
N GLY A 448 1.78 9.56 -19.88
CA GLY A 448 1.74 8.45 -20.86
C GLY A 448 1.13 7.15 -20.37
N ALA A 449 1.67 6.03 -20.87
CA ALA A 449 1.30 4.71 -20.36
C ALA A 449 1.70 4.57 -18.89
N LEU A 450 0.89 3.81 -18.16
CA LEU A 450 1.17 3.52 -16.77
C LEU A 450 2.46 2.70 -16.66
N SER A 451 2.61 1.75 -17.56
CA SER A 451 3.81 0.96 -17.68
C SER A 451 5.12 1.71 -17.50
N ALA A 452 5.27 2.88 -18.13
CA ALA A 452 6.52 3.67 -18.06
C ALA A 452 6.84 4.11 -16.63
N ILE A 453 5.79 4.57 -15.97
CA ILE A 453 5.85 5.05 -14.63
C ILE A 453 6.21 3.88 -13.72
N VAL A 454 5.48 2.77 -13.82
CA VAL A 454 5.80 1.55 -13.08
C VAL A 454 7.28 1.16 -13.27
N HIS A 455 7.74 1.11 -14.50
CA HIS A 455 9.08 0.62 -14.78
C HIS A 455 10.17 1.51 -14.23
N GLN A 456 9.90 2.82 -14.26
CA GLN A 456 10.78 3.80 -13.67
C GLN A 456 10.78 3.69 -12.14
N LEU A 457 9.61 3.51 -11.54
CA LEU A 457 9.56 3.33 -10.10
C LEU A 457 10.27 2.05 -9.63
N MET A 458 10.03 0.96 -10.34
CA MET A 458 10.69 -0.30 -10.04
C MET A 458 12.18 -0.27 -10.43
N GLY A 459 12.52 0.50 -11.46
CA GLY A 459 13.92 0.70 -11.80
C GLY A 459 14.74 1.27 -10.64
N GLY A 460 14.24 2.34 -10.01
CA GLY A 460 14.98 2.97 -8.90
C GLY A 460 15.08 2.07 -7.70
N LEU A 461 14.00 1.34 -7.43
CA LEU A 461 14.01 0.37 -6.34
C LEU A 461 15.07 -0.74 -6.57
N ARG A 462 15.13 -1.25 -7.79
CA ARG A 462 16.11 -2.26 -8.17
C ARG A 462 17.51 -1.69 -8.01
N ALA A 463 17.68 -0.44 -8.43
CA ALA A 463 18.99 0.22 -8.25
C ALA A 463 19.35 0.26 -6.77
N ALA A 464 18.38 0.60 -5.90
CA ALA A 464 18.62 0.76 -4.48
C ALA A 464 18.93 -0.60 -3.81
N MET A 465 18.33 -1.66 -4.36
CA MET A 465 18.60 -3.03 -3.91
C MET A 465 20.01 -3.47 -4.32
N GLY A 466 20.37 -3.12 -5.56
CA GLY A 466 21.75 -3.25 -6.04
C GLY A 466 22.79 -2.54 -5.13
N TYR A 467 22.57 -1.25 -4.83
CA TYR A 467 23.46 -0.51 -3.94
C TYR A 467 23.59 -1.09 -2.54
N THR A 468 22.52 -1.67 -2.02
CA THR A 468 22.51 -2.11 -0.63
C THR A 468 22.85 -3.56 -0.56
N GLY A 469 22.96 -4.23 -1.70
CA GLY A 469 23.23 -5.66 -1.74
C GLY A 469 22.03 -6.54 -1.39
N SER A 470 20.82 -6.08 -1.63
CA SER A 470 19.60 -6.82 -1.24
C SER A 470 19.08 -7.58 -2.43
N ALA A 471 19.08 -8.90 -2.33
CA ALA A 471 18.70 -9.76 -3.48
C ALA A 471 17.18 -9.91 -3.61
N ASP A 472 16.46 -9.68 -2.51
CA ASP A 472 15.01 -9.84 -2.52
C ASP A 472 14.42 -8.87 -1.51
N ILE A 473 13.08 -8.80 -1.47
CA ILE A 473 12.38 -7.79 -0.66
C ILE A 473 12.58 -8.00 0.86
N GLN A 474 12.57 -9.26 1.30
CA GLN A 474 12.84 -9.53 2.72
C GLN A 474 14.24 -9.03 3.15
N GLN A 475 15.24 -9.15 2.26
CA GLN A 475 16.55 -8.58 2.56
C GLN A 475 16.49 -7.04 2.65
N MET A 476 15.83 -6.43 1.67
CA MET A 476 15.66 -5.00 1.60
C MET A 476 14.97 -4.40 2.83
N ARG A 477 13.97 -5.10 3.35
CA ARG A 477 13.19 -4.65 4.52
C ARG A 477 13.95 -4.78 5.83
N THR A 478 14.93 -5.69 5.91
CA THR A 478 15.49 -6.06 7.23
C THR A 478 17.00 -5.77 7.39
N GLN A 479 17.75 -5.61 6.29
CA GLN A 479 19.22 -5.54 6.36
C GLN A 479 19.85 -4.13 6.12
N PRO A 480 19.47 -3.40 5.04
CA PRO A 480 20.10 -2.12 4.82
C PRO A 480 19.89 -1.14 5.99
N GLN A 481 20.82 -0.22 6.15
CA GLN A 481 20.75 0.79 7.19
C GLN A 481 20.63 2.18 6.60
N PHE A 482 20.05 3.09 7.36
CA PHE A 482 20.04 4.51 7.05
C PHE A 482 21.17 5.27 7.71
N VAL A 483 21.58 6.36 7.06
CA VAL A 483 22.22 7.49 7.75
C VAL A 483 21.17 8.59 7.85
N ARG A 484 21.26 9.33 8.93
CA ARG A 484 20.46 10.51 9.10
C ARG A 484 21.21 11.72 8.56
N ILE A 485 20.50 12.60 7.86
CA ILE A 485 21.15 13.79 7.28
C ILE A 485 20.54 15.08 7.81
N THR A 486 21.26 16.18 7.69
CA THR A 486 20.79 17.46 8.26
C THR A 486 19.96 18.23 7.24
N GLY A 487 20.10 17.91 5.97
CA GLY A 487 19.39 18.68 4.95
C GLY A 487 20.14 19.94 4.54
N ALA A 488 21.26 20.22 5.22
CA ALA A 488 22.27 21.13 4.71
C ALA A 488 22.79 20.52 3.40
CL CL B . 24.25 -0.21 -9.16
#